data_5WXX
#
_entry.id   5WXX
#
_cell.length_a   128.751
_cell.length_b   128.751
_cell.length_c   46.182
_cell.angle_alpha   90.00
_cell.angle_beta   90.00
_cell.angle_gamma   120.00
#
_symmetry.space_group_name_H-M   'P 32 2 1'
#
loop_
_entity.id
_entity.type
_entity.pdbx_description
1 polymer McyF
2 non-polymer 'CITRIC ACID'
3 water water
#
_entity_poly.entity_id   1
_entity_poly.type   'polypeptide(L)'
_entity_poly.pdbx_seq_one_letter_code
;(MSE)GHHHHHH(MSE)(MSE)KTKLPILGVLGG(MSE)GPVVTAEFLKSIYEYNPFIDKEQESPNVIVFSFPSAPDRTG
SIDSGKEREFIDFIQVNLEHLNKLADCIVIGCCTAHYALPQIPENLKDKLISLIKIADQELQEYNEPTLLLASTGTYQKK
LFQEGCTTADLIISLSESDQKLIHE(MSE)IYKVLKRGHDPLSILRDIEALLEKYNTRSYISGCTEFHLLTKSLKLKGID
SIKAIDPLSTIAQNFSQLIIKQAQVDLVTDCHQPSNPKSP
;
_entity_poly.pdbx_strand_id   A
#
# COMPACT_ATOMS: atom_id res chain seq x y z
N LEU A 14 18.18 18.31 -3.05
CA LEU A 14 17.35 17.30 -3.80
C LEU A 14 16.59 16.37 -2.84
N PRO A 15 15.25 16.21 -3.04
CA PRO A 15 14.45 15.48 -2.08
C PRO A 15 14.55 13.96 -2.24
N ILE A 16 14.74 13.25 -1.13
CA ILE A 16 14.88 11.79 -1.11
C ILE A 16 13.66 11.13 -0.45
N LEU A 17 13.05 10.17 -1.17
CA LEU A 17 12.02 9.31 -0.59
C LEU A 17 12.67 8.09 0.05
N GLY A 18 12.33 7.82 1.31
CA GLY A 18 12.72 6.61 2.00
C GLY A 18 11.55 5.63 2.00
N VAL A 19 11.82 4.38 1.68
CA VAL A 19 10.79 3.33 1.61
C VAL A 19 11.15 2.20 2.57
N LEU A 20 10.38 2.08 3.64
CA LEU A 20 10.49 0.93 4.53
C LEU A 20 9.67 -0.19 3.89
N GLY A 21 10.36 -1.10 3.24
CA GLY A 21 9.79 -2.08 2.33
C GLY A 21 10.05 -3.50 2.75
N GLY A 22 9.93 -4.41 1.80
CA GLY A 22 10.11 -5.84 2.03
C GLY A 22 8.86 -6.50 2.57
N GLY A 24 5.35 -7.12 1.06
CA GLY A 24 6.43 -8.04 0.70
C GLY A 24 7.47 -7.49 -0.29
N PRO A 25 8.50 -8.30 -0.60
CA PRO A 25 9.58 -7.88 -1.50
C PRO A 25 9.17 -7.70 -2.96
N VAL A 26 8.25 -8.53 -3.45
CA VAL A 26 7.82 -8.49 -4.84
C VAL A 26 7.16 -7.16 -5.17
N VAL A 27 6.25 -6.71 -4.29
CA VAL A 27 5.61 -5.40 -4.49
C VAL A 27 6.56 -4.23 -4.24
N THR A 28 7.52 -4.41 -3.33
CA THR A 28 8.54 -3.38 -3.08
C THR A 28 9.37 -3.08 -4.33
N ALA A 29 9.81 -4.13 -5.01
CA ALA A 29 10.59 -4.00 -6.23
C ALA A 29 9.74 -3.39 -7.34
N GLU A 30 8.50 -3.85 -7.44
CA GLU A 30 7.58 -3.31 -8.42
C GLU A 30 7.24 -1.83 -8.17
N PHE A 31 7.14 -1.42 -6.91
CA PHE A 31 6.91 -0.01 -6.55
C PHE A 31 8.06 0.89 -7.01
N LEU A 32 9.29 0.46 -6.76
CA LEU A 32 10.47 1.20 -7.23
C LEU A 32 10.46 1.36 -8.75
N LYS A 33 10.07 0.29 -9.44
CA LYS A 33 9.92 0.32 -10.89
C LYS A 33 8.84 1.33 -11.29
N SER A 34 7.70 1.31 -10.60
CA SER A 34 6.63 2.28 -10.83
C SER A 34 7.09 3.73 -10.71
N ILE A 35 7.94 4.01 -9.73
CA ILE A 35 8.45 5.36 -9.50
C ILE A 35 9.13 5.93 -10.75
N TYR A 36 9.89 5.10 -11.45
CA TYR A 36 10.60 5.55 -12.65
C TYR A 36 9.76 5.45 -13.91
N GLU A 37 8.89 4.44 -14.00
CA GLU A 37 7.91 4.37 -15.09
C GLU A 37 7.01 5.60 -15.17
N TYR A 38 6.60 6.11 -14.00
CA TYR A 38 5.71 7.28 -13.91
C TYR A 38 6.43 8.63 -14.01
N ASN A 39 7.74 8.64 -13.75
CA ASN A 39 8.55 9.86 -13.84
C ASN A 39 9.69 9.70 -14.85
N PRO A 40 9.35 9.45 -16.13
CA PRO A 40 10.41 9.37 -17.13
C PRO A 40 11.13 10.71 -17.26
N PHE A 41 12.46 10.67 -17.33
CA PHE A 41 13.24 11.89 -17.51
C PHE A 41 13.09 12.46 -18.93
N ILE A 42 13.31 13.76 -19.05
CA ILE A 42 13.19 14.47 -20.33
C ILE A 42 14.52 14.37 -21.10
N ASP A 43 15.58 14.94 -20.54
CA ASP A 43 16.88 15.02 -21.22
C ASP A 43 17.90 14.08 -20.61
N LYS A 44 18.12 14.25 -19.30
CA LYS A 44 19.11 13.50 -18.56
C LYS A 44 18.47 12.70 -17.42
N GLU A 45 19.00 11.50 -17.23
CA GLU A 45 18.80 10.61 -16.08
C GLU A 45 18.87 11.30 -14.72
N GLN A 46 19.76 12.30 -14.65
CA GLN A 46 20.00 13.09 -13.43
C GLN A 46 18.78 13.85 -12.90
N GLU A 47 17.74 13.99 -13.71
CA GLU A 47 16.45 14.54 -13.28
C GLU A 47 15.63 13.59 -12.39
N SER A 48 15.90 12.29 -12.45
CA SER A 48 14.96 11.28 -11.96
C SER A 48 14.90 11.18 -10.43
N PRO A 49 13.79 10.64 -9.87
CA PRO A 49 13.61 10.50 -8.42
C PRO A 49 14.73 9.80 -7.66
N ASN A 50 15.12 10.38 -6.52
CA ASN A 50 16.09 9.78 -5.62
C ASN A 50 15.35 9.04 -4.50
N VAL A 51 15.63 7.74 -4.38
CA VAL A 51 14.87 6.84 -3.52
C VAL A 51 15.81 5.93 -2.76
N ILE A 52 15.54 5.75 -1.46
CA ILE A 52 16.21 4.74 -0.63
C ILE A 52 15.19 3.68 -0.30
N VAL A 53 15.48 2.43 -0.63
CA VAL A 53 14.60 1.31 -0.33
C VAL A 53 15.28 0.39 0.68
N PHE A 54 14.63 0.18 1.82
CA PHE A 54 14.98 -0.89 2.77
C PHE A 54 14.01 -2.03 2.51
N SER A 55 14.39 -2.97 1.64
CA SER A 55 13.58 -4.13 1.35
C SER A 55 14.00 -5.25 2.29
N PHE A 56 13.34 -5.33 3.44
CA PHE A 56 13.63 -6.35 4.45
C PHE A 56 12.47 -7.33 4.63
N PRO A 57 12.41 -8.40 3.80
CA PRO A 57 11.35 -9.41 3.96
C PRO A 57 11.36 -10.14 5.30
N SER A 58 12.50 -10.16 5.99
CA SER A 58 12.61 -10.70 7.35
C SER A 58 11.70 -10.00 8.38
N ALA A 59 11.18 -8.81 8.03
CA ALA A 59 10.08 -8.17 8.79
C ALA A 59 9.05 -9.24 9.17
N PRO A 60 8.69 -9.34 10.46
CA PRO A 60 7.67 -10.34 10.84
C PRO A 60 6.37 -10.21 10.03
N ASP A 61 5.72 -11.35 9.77
CA ASP A 61 4.38 -11.38 9.16
C ASP A 61 3.47 -10.42 9.93
N ARG A 62 2.79 -9.52 9.22
CA ARG A 62 2.01 -8.43 9.84
C ARG A 62 0.74 -8.97 10.54
N THR A 63 -0.07 -9.70 9.79
CA THR A 63 -1.26 -10.34 10.37
C THR A 63 -0.85 -11.40 11.41
N GLY A 64 0.21 -12.15 11.12
CA GLY A 64 0.81 -13.10 12.07
C GLY A 64 1.14 -12.46 13.42
N SER A 65 1.78 -11.29 13.38
CA SER A 65 2.10 -10.53 14.62
C SER A 65 0.86 -10.14 15.44
N ILE A 66 -0.27 -9.92 14.76
CA ILE A 66 -1.55 -9.65 15.42
C ILE A 66 -2.18 -10.95 15.95
N ASP A 67 -2.23 -11.99 15.12
CA ASP A 67 -2.86 -13.28 15.49
C ASP A 67 -2.13 -14.00 16.64
N SER A 68 -0.80 -13.96 16.63
CA SER A 68 0.02 -14.34 17.79
C SER A 68 0.07 -13.12 18.73
N GLY A 69 0.84 -13.19 19.80
CA GLY A 69 0.90 -12.07 20.75
C GLY A 69 2.01 -11.05 20.50
N LYS A 70 2.64 -11.11 19.33
CA LYS A 70 3.98 -10.54 19.13
C LYS A 70 3.97 -9.22 18.38
N GLU A 71 3.16 -8.29 18.85
CA GLU A 71 3.09 -6.95 18.27
C GLU A 71 4.32 -6.13 18.64
N ARG A 72 4.84 -6.33 19.85
CA ARG A 72 6.03 -5.62 20.31
C ARG A 72 7.23 -5.85 19.40
N GLU A 73 7.47 -7.11 19.06
CA GLU A 73 8.52 -7.50 18.10
C GLU A 73 8.39 -6.69 16.80
N PHE A 74 7.19 -6.70 16.23
CA PHE A 74 6.93 -5.99 14.96
C PHE A 74 7.09 -4.48 15.07
N ILE A 75 6.60 -3.91 16.18
CA ILE A 75 6.71 -2.47 16.40
C ILE A 75 8.17 -2.03 16.49
N ASP A 76 9.00 -2.84 17.14
CA ASP A 76 10.44 -2.57 17.27
C ASP A 76 11.11 -2.56 15.91
N PHE A 77 10.85 -3.58 15.09
CA PHE A 77 11.32 -3.61 13.71
C PHE A 77 11.02 -2.29 12.98
N ILE A 78 9.76 -1.86 13.04
CA ILE A 78 9.33 -0.62 12.38
C ILE A 78 10.07 0.58 12.97
N GLN A 79 10.19 0.61 14.29
CA GLN A 79 10.83 1.75 14.97
C GLN A 79 12.34 1.89 14.67
N VAL A 80 13.07 0.78 14.70
CA VAL A 80 14.53 0.82 14.47
C VAL A 80 14.80 1.34 13.05
N ASN A 81 14.05 0.83 12.08
CA ASN A 81 14.23 1.23 10.68
C ASN A 81 13.72 2.62 10.34
N LEU A 82 12.69 3.11 11.05
CA LEU A 82 12.30 4.51 10.94
C LEU A 82 13.40 5.43 11.49
N GLU A 83 14.07 5.01 12.57
CA GLU A 83 15.24 5.75 13.08
C GLU A 83 16.32 5.93 12.01
N HIS A 84 16.67 4.85 11.32
CA HIS A 84 17.64 4.93 10.21
C HIS A 84 17.16 5.87 9.10
N LEU A 85 15.96 5.63 8.60
CA LEU A 85 15.43 6.37 7.44
C LEU A 85 15.14 7.84 7.71
N ASN A 86 14.84 8.19 8.97
CA ASN A 86 14.72 9.61 9.37
C ASN A 86 16.00 10.41 9.14
N LYS A 87 17.15 9.79 9.37
CA LYS A 87 18.45 10.43 9.13
C LYS A 87 18.78 10.55 7.64
N LEU A 88 18.30 9.61 6.82
CA LEU A 88 18.68 9.50 5.41
C LEU A 88 17.71 10.18 4.43
N ALA A 89 16.41 10.12 4.70
CA ALA A 89 15.39 10.59 3.74
C ALA A 89 14.65 11.84 4.23
N ASP A 90 14.02 12.53 3.28
CA ASP A 90 13.19 13.71 3.55
C ASP A 90 11.71 13.37 3.73
N CYS A 91 11.23 12.35 3.01
CA CYS A 91 9.89 11.76 3.21
C CYS A 91 10.01 10.26 3.31
N ILE A 92 9.13 9.64 4.11
CA ILE A 92 9.16 8.19 4.33
C ILE A 92 7.80 7.58 4.03
N VAL A 93 7.83 6.39 3.42
CA VAL A 93 6.63 5.57 3.17
C VAL A 93 6.90 4.16 3.69
N ILE A 94 5.94 3.61 4.42
CA ILE A 94 5.95 2.20 4.81
C ILE A 94 5.13 1.47 3.76
N GLY A 95 5.78 0.60 2.99
CA GLY A 95 5.14 -0.06 1.84
C GLY A 95 4.22 -1.24 2.17
N CYS A 96 3.37 -1.03 3.17
CA CYS A 96 2.50 -2.07 3.71
C CYS A 96 1.42 -1.37 4.51
N CYS A 97 0.15 -1.64 4.18
CA CYS A 97 -0.97 -1.00 4.87
C CYS A 97 -1.10 -1.51 6.29
N THR A 98 -1.20 -2.83 6.45
CA THR A 98 -1.32 -3.43 7.79
C THR A 98 -0.25 -2.93 8.76
N ALA A 99 0.98 -2.76 8.27
CA ALA A 99 2.10 -2.24 9.07
C ALA A 99 1.85 -0.89 9.75
N HIS A 100 0.92 -0.09 9.20
CA HIS A 100 0.55 1.19 9.79
C HIS A 100 -0.10 1.06 11.18
N TYR A 101 -0.56 -0.13 11.54
CA TYR A 101 -1.08 -0.37 12.91
C TYR A 101 -0.05 -0.08 14.02
N ALA A 102 1.24 -0.20 13.72
CA ALA A 102 2.31 0.07 14.69
C ALA A 102 2.50 1.54 15.05
N LEU A 103 2.04 2.46 14.18
CA LEU A 103 2.34 3.89 14.32
C LEU A 103 1.93 4.59 15.63
N PRO A 104 0.78 4.23 16.23
CA PRO A 104 0.43 4.84 17.53
C PRO A 104 1.46 4.58 18.65
N GLN A 105 2.19 3.47 18.54
CA GLN A 105 3.23 3.08 19.50
C GLN A 105 4.62 3.70 19.22
N ILE A 106 4.79 4.32 18.05
CA ILE A 106 6.07 4.90 17.64
C ILE A 106 6.08 6.36 18.10
N PRO A 107 7.22 6.85 18.65
CA PRO A 107 7.35 8.27 19.01
C PRO A 107 7.04 9.24 17.86
N GLU A 108 6.50 10.40 18.19
CA GLU A 108 5.99 11.35 17.19
C GLU A 108 7.08 11.93 16.28
N ASN A 109 8.30 12.05 16.81
CA ASN A 109 9.47 12.53 16.03
C ASN A 109 9.86 11.64 14.84
N LEU A 110 9.67 10.33 14.99
CA LEU A 110 9.95 9.39 13.89
C LEU A 110 8.86 9.34 12.81
N LYS A 111 7.75 10.08 12.99
CA LYS A 111 6.65 10.11 12.02
C LYS A 111 6.45 11.48 11.36
N ASP A 112 7.34 12.44 11.61
CA ASP A 112 7.26 13.79 11.00
C ASP A 112 7.29 13.75 9.47
N LYS A 113 8.14 12.88 8.92
CA LYS A 113 8.35 12.77 7.48
C LYS A 113 7.45 11.74 6.81
N LEU A 114 6.62 11.05 7.59
CA LEU A 114 5.85 9.91 7.11
C LEU A 114 4.70 10.36 6.21
N ILE A 115 4.52 9.63 5.10
CA ILE A 115 3.36 9.79 4.23
C ILE A 115 2.54 8.51 4.39
N SER A 116 1.36 8.64 4.99
CA SER A 116 0.47 7.50 5.26
C SER A 116 -0.24 7.03 3.99
N LEU A 117 -0.13 5.73 3.71
CA LEU A 117 -0.90 5.09 2.64
C LEU A 117 -2.41 5.17 2.89
N ILE A 118 -2.82 5.13 4.16
CA ILE A 118 -4.23 5.28 4.51
C ILE A 118 -4.71 6.67 4.09
N LYS A 119 -3.95 7.71 4.43
CA LYS A 119 -4.32 9.09 4.05
C LYS A 119 -4.30 9.33 2.55
N ILE A 120 -3.34 8.73 1.85
CA ILE A 120 -3.28 8.84 0.39
C ILE A 120 -4.53 8.20 -0.22
N ALA A 121 -4.93 7.04 0.28
CA ALA A 121 -6.17 6.40 -0.16
C ALA A 121 -7.38 7.29 0.12
N ASP A 122 -7.42 7.87 1.32
CA ASP A 122 -8.52 8.74 1.74
C ASP A 122 -8.69 9.95 0.80
N GLN A 123 -7.59 10.64 0.51
CA GLN A 123 -7.60 11.78 -0.42
C GLN A 123 -8.13 11.40 -1.80
N GLU A 124 -7.69 10.26 -2.31
CA GLU A 124 -8.12 9.77 -3.61
C GLU A 124 -9.61 9.45 -3.60
N LEU A 125 -10.04 8.70 -2.58
CA LEU A 125 -11.46 8.33 -2.48
C LEU A 125 -12.36 9.58 -2.35
N GLN A 126 -11.89 10.60 -1.65
CA GLN A 126 -12.64 11.87 -1.56
C GLN A 126 -12.92 12.49 -2.95
N GLU A 127 -11.92 12.45 -3.84
CA GLU A 127 -12.11 12.95 -5.22
C GLU A 127 -13.03 12.06 -6.05
N TYR A 128 -12.85 10.74 -5.94
CA TYR A 128 -13.68 9.79 -6.67
C TYR A 128 -15.14 9.79 -6.21
N ASN A 129 -15.33 9.86 -4.88
CA ASN A 129 -16.65 10.09 -4.28
C ASN A 129 -17.72 9.06 -4.66
N GLU A 130 -17.32 7.79 -4.72
CA GLU A 130 -18.23 6.69 -5.03
C GLU A 130 -17.91 5.54 -4.07
N PRO A 131 -18.90 4.67 -3.76
CA PRO A 131 -18.57 3.52 -2.91
C PRO A 131 -17.55 2.58 -3.54
N THR A 132 -16.64 2.07 -2.71
CA THR A 132 -15.47 1.34 -3.15
C THR A 132 -15.15 0.19 -2.19
N LEU A 133 -14.76 -0.96 -2.75
CA LEU A 133 -14.52 -2.17 -1.98
C LEU A 133 -13.09 -2.19 -1.42
N LEU A 134 -12.98 -2.28 -0.09
CA LEU A 134 -11.67 -2.37 0.55
C LEU A 134 -11.12 -3.80 0.44
N LEU A 135 -10.11 -3.97 -0.40
CA LEU A 135 -9.40 -5.24 -0.52
C LEU A 135 -8.20 -5.23 0.42
N ALA A 136 -8.31 -5.98 1.51
CA ALA A 136 -7.31 -5.94 2.56
C ALA A 136 -7.30 -7.23 3.37
N SER A 137 -6.22 -7.42 4.12
CA SER A 137 -6.04 -8.58 4.99
C SER A 137 -6.95 -8.51 6.22
N THR A 138 -7.15 -9.65 6.87
CA THR A 138 -7.87 -9.72 8.14
C THR A 138 -7.22 -8.85 9.21
N GLY A 139 -5.89 -8.76 9.20
CA GLY A 139 -5.16 -7.90 10.11
C GLY A 139 -5.52 -6.44 9.96
N THR A 140 -5.58 -5.98 8.72
CA THR A 140 -5.96 -4.60 8.42
C THR A 140 -7.40 -4.33 8.84
N TYR A 141 -8.28 -5.30 8.59
CA TYR A 141 -9.66 -5.22 9.05
C TYR A 141 -9.81 -5.26 10.58
N GLN A 142 -9.07 -6.14 11.26
CA GLN A 142 -9.12 -6.21 12.73
C GLN A 142 -8.70 -4.91 13.39
N LYS A 143 -7.63 -4.32 12.87
CA LYS A 143 -7.13 -3.04 13.37
C LYS A 143 -7.91 -1.81 12.88
N LYS A 144 -8.81 -1.99 11.90
CA LYS A 144 -9.76 -0.96 11.48
C LYS A 144 -9.06 0.30 10.96
N LEU A 145 -7.95 0.08 10.25
CA LEU A 145 -7.05 1.17 9.86
C LEU A 145 -7.76 2.14 8.91
N PHE A 146 -8.53 1.61 7.98
CA PHE A 146 -9.23 2.45 7.01
C PHE A 146 -10.49 3.08 7.60
N GLN A 147 -11.25 2.31 8.35
CA GLN A 147 -12.46 2.78 9.01
C GLN A 147 -12.14 3.91 10.02
N GLU A 148 -11.07 3.74 10.81
CA GLU A 148 -10.64 4.76 11.79
C GLU A 148 -9.82 5.92 11.20
N GLY A 149 -9.14 5.68 10.07
CA GLY A 149 -8.26 6.70 9.46
C GLY A 149 -8.88 7.58 8.37
N CYS A 150 -9.93 7.11 7.70
CA CYS A 150 -10.46 7.81 6.52
C CYS A 150 -11.67 8.68 6.82
N THR A 151 -11.56 9.97 6.45
CA THR A 151 -12.72 10.89 6.44
C THR A 151 -13.85 10.38 5.55
N THR A 152 -13.50 9.60 4.53
CA THR A 152 -14.44 9.00 3.61
C THR A 152 -14.84 7.58 4.01
N ALA A 153 -14.73 7.21 5.28
CA ALA A 153 -15.10 5.86 5.75
C ALA A 153 -16.49 5.41 5.31
N ASP A 154 -17.44 6.34 5.22
CA ASP A 154 -18.81 6.05 4.77
C ASP A 154 -18.91 5.54 3.33
N LEU A 155 -17.92 5.86 2.48
CA LEU A 155 -17.84 5.35 1.11
C LEU A 155 -17.06 4.01 0.99
N ILE A 156 -16.54 3.49 2.10
CA ILE A 156 -15.76 2.26 2.08
C ILE A 156 -16.69 1.08 2.35
N ILE A 157 -16.78 0.17 1.39
CA ILE A 157 -17.51 -1.08 1.57
C ILE A 157 -16.56 -2.13 2.16
N SER A 158 -16.95 -2.73 3.29
CA SER A 158 -16.13 -3.75 3.94
C SER A 158 -16.44 -5.14 3.40
N LEU A 159 -15.40 -5.91 3.12
CA LEU A 159 -15.57 -7.33 2.79
C LEU A 159 -16.10 -8.06 4.03
N SER A 160 -16.91 -9.09 3.79
CA SER A 160 -17.30 -10.01 4.85
C SER A 160 -16.09 -10.81 5.31
N GLU A 161 -16.20 -11.45 6.47
CA GLU A 161 -15.11 -12.28 7.00
C GLU A 161 -14.67 -13.38 6.03
N SER A 162 -15.62 -14.06 5.40
CA SER A 162 -15.30 -15.12 4.42
C SER A 162 -14.53 -14.60 3.21
N ASP A 163 -14.93 -13.44 2.70
CA ASP A 163 -14.26 -12.84 1.55
C ASP A 163 -12.89 -12.27 1.91
N GLN A 164 -12.72 -11.81 3.15
CA GLN A 164 -11.39 -11.46 3.66
C GLN A 164 -10.41 -12.63 3.61
N LYS A 165 -10.88 -13.82 3.97
CA LYS A 165 -10.05 -15.03 3.90
C LYS A 165 -9.68 -15.39 2.47
N LEU A 166 -10.60 -15.20 1.52
CA LEU A 166 -10.30 -15.39 0.09
C LEU A 166 -9.26 -14.40 -0.43
N ILE A 167 -9.37 -13.14 0.00
CA ILE A 167 -8.35 -12.12 -0.34
C ILE A 167 -6.98 -12.56 0.17
N HIS A 168 -6.97 -13.12 1.38
CA HIS A 168 -5.75 -13.69 1.98
C HIS A 168 -5.10 -14.73 1.08
N GLU A 169 -5.89 -15.62 0.54
CA GLU A 169 -5.39 -16.64 -0.35
C GLU A 169 -4.79 -16.06 -1.59
N ILE A 171 -3.55 -13.07 -1.96
CA ILE A 171 -2.33 -12.35 -1.55
C ILE A 171 -1.15 -13.30 -1.40
N TYR A 172 -1.34 -14.37 -0.62
CA TYR A 172 -0.25 -15.29 -0.27
C TYR A 172 0.06 -16.33 -1.35
N LYS A 173 -0.95 -16.88 -2.01
CA LYS A 173 -0.73 -17.92 -3.04
C LYS A 173 -0.36 -17.38 -4.41
N VAL A 174 -0.82 -16.16 -4.76
CA VAL A 174 -0.56 -15.59 -6.09
C VAL A 174 0.39 -14.39 -6.05
N LEU A 175 -0.02 -13.33 -5.34
CA LEU A 175 0.62 -12.03 -5.51
C LEU A 175 2.01 -11.97 -4.89
N LYS A 176 2.12 -12.40 -3.65
CA LYS A 176 3.40 -12.42 -2.94
C LYS A 176 4.44 -13.37 -3.56
N ARG A 177 3.99 -14.44 -4.23
CA ARG A 177 4.89 -15.39 -4.88
C ARG A 177 5.28 -14.98 -6.30
N GLY A 178 4.90 -13.78 -6.73
CA GLY A 178 5.32 -13.24 -8.01
C GLY A 178 4.59 -13.79 -9.22
N HIS A 179 3.47 -14.48 -9.03
CA HIS A 179 2.68 -15.00 -10.15
C HIS A 179 1.86 -13.90 -10.79
N ASP A 180 1.40 -14.14 -12.02
CA ASP A 180 0.68 -13.15 -12.82
C ASP A 180 -0.54 -12.63 -12.06
N PRO A 181 -0.56 -11.33 -11.69
CA PRO A 181 -1.71 -10.77 -10.98
C PRO A 181 -3.06 -10.90 -11.72
N LEU A 182 -3.02 -10.97 -13.05
CA LEU A 182 -4.23 -11.15 -13.85
C LEU A 182 -4.91 -12.50 -13.62
N SER A 183 -4.20 -13.48 -13.05
CA SER A 183 -4.82 -14.77 -12.70
C SER A 183 -5.92 -14.67 -11.62
N ILE A 184 -5.91 -13.62 -10.80
CA ILE A 184 -6.99 -13.38 -9.83
C ILE A 184 -8.06 -12.39 -10.30
N LEU A 185 -7.94 -11.88 -11.52
CA LEU A 185 -8.86 -10.85 -12.04
C LEU A 185 -10.33 -11.29 -12.04
N ARG A 186 -10.60 -12.55 -12.38
CA ARG A 186 -11.96 -13.07 -12.39
C ARG A 186 -12.56 -13.10 -10.98
N ASP A 187 -11.78 -13.59 -10.02
CA ASP A 187 -12.21 -13.58 -8.61
C ASP A 187 -12.49 -12.14 -8.13
N ILE A 188 -11.63 -11.20 -8.54
CA ILE A 188 -11.81 -9.79 -8.16
C ILE A 188 -13.07 -9.18 -8.79
N GLU A 189 -13.27 -9.43 -10.08
CA GLU A 189 -14.47 -8.94 -10.78
C GLU A 189 -15.75 -9.48 -10.17
N ALA A 190 -15.72 -10.75 -9.74
CA ALA A 190 -16.87 -11.37 -9.06
C ALA A 190 -17.17 -10.70 -7.72
N LEU A 191 -16.12 -10.39 -6.95
CA LEU A 191 -16.27 -9.63 -5.71
C LEU A 191 -16.88 -8.25 -5.94
N LEU A 192 -16.35 -7.52 -6.92
CA LEU A 192 -16.86 -6.20 -7.26
C LEU A 192 -18.34 -6.25 -7.63
N GLU A 193 -18.72 -7.28 -8.39
CA GLU A 193 -20.11 -7.49 -8.75
C GLU A 193 -20.94 -7.87 -7.51
N LYS A 194 -20.43 -8.78 -6.68
CA LYS A 194 -21.09 -9.16 -5.43
C LYS A 194 -21.39 -7.95 -4.53
N TYR A 195 -20.42 -7.04 -4.39
CA TYR A 195 -20.58 -5.85 -3.54
C TYR A 195 -21.07 -4.61 -4.30
N ASN A 196 -21.41 -4.78 -5.58
CA ASN A 196 -22.10 -3.76 -6.38
C ASN A 196 -21.32 -2.45 -6.51
N THR A 197 -20.09 -2.57 -6.97
CA THR A 197 -19.20 -1.42 -7.17
C THR A 197 -18.25 -1.70 -8.33
N ARG A 198 -17.59 -0.66 -8.82
CA ARG A 198 -16.60 -0.78 -9.89
C ARG A 198 -15.23 -0.29 -9.44
N SER A 199 -15.06 -0.13 -8.13
CA SER A 199 -13.81 0.39 -7.60
C SER A 199 -13.36 -0.45 -6.42
N TYR A 200 -12.04 -0.53 -6.25
CA TYR A 200 -11.45 -1.08 -5.04
C TYR A 200 -10.39 -0.15 -4.50
N ILE A 201 -10.15 -0.29 -3.20
CA ILE A 201 -8.99 0.30 -2.56
C ILE A 201 -7.99 -0.82 -2.40
N SER A 202 -6.75 -0.55 -2.77
CA SER A 202 -5.64 -1.44 -2.44
C SER A 202 -5.33 -1.28 -0.95
N GLY A 203 -6.04 -2.04 -0.13
CA GLY A 203 -5.86 -2.00 1.30
C GLY A 203 -4.78 -2.93 1.75
N CYS A 204 -4.10 -3.50 0.79
CA CYS A 204 -3.01 -4.37 0.98
C CYS A 204 -2.13 -3.94 -0.16
N THR A 205 -0.86 -3.70 0.11
CA THR A 205 0.04 -3.21 -0.92
C THR A 205 0.23 -4.08 -2.13
N GLU A 206 0.10 -5.37 -1.96
CA GLU A 206 0.26 -6.30 -3.09
C GLU A 206 -0.75 -6.05 -4.22
N PHE A 207 -1.88 -5.38 -3.93
CA PHE A 207 -2.82 -4.97 -4.98
C PHE A 207 -2.37 -3.84 -5.90
N HIS A 208 -1.23 -3.21 -5.57
CA HIS A 208 -0.47 -2.42 -6.54
C HIS A 208 -0.09 -3.25 -7.78
N LEU A 209 0.22 -4.54 -7.56
CA LEU A 209 0.59 -5.46 -8.64
C LEU A 209 -0.58 -5.67 -9.58
N LEU A 210 -1.75 -5.91 -9.02
CA LEU A 210 -2.97 -6.03 -9.81
C LEU A 210 -3.26 -4.73 -10.56
N THR A 211 -3.15 -3.60 -9.88
CA THR A 211 -3.42 -2.30 -10.46
C THR A 211 -2.54 -2.03 -11.69
N LYS A 212 -1.25 -2.35 -11.58
CA LYS A 212 -0.32 -2.22 -12.70
C LYS A 212 -0.71 -3.11 -13.87
N SER A 213 -1.05 -4.36 -13.57
CA SER A 213 -1.49 -5.31 -14.58
C SER A 213 -2.75 -4.86 -15.33
N LEU A 214 -3.72 -4.29 -14.62
CA LEU A 214 -4.92 -3.74 -15.26
C LEU A 214 -4.58 -2.57 -16.18
N LYS A 215 -3.71 -1.68 -15.70
CA LYS A 215 -3.29 -0.51 -16.47
C LYS A 215 -2.56 -0.93 -17.75
N LEU A 216 -1.64 -1.87 -17.62
CA LEU A 216 -0.88 -2.42 -18.75
C LEU A 216 -1.79 -2.98 -19.85
N LYS A 217 -2.88 -3.65 -19.45
CA LYS A 217 -3.85 -4.23 -20.39
C LYS A 217 -4.90 -3.24 -20.92
N GLY A 218 -4.93 -2.01 -20.40
CA GLY A 218 -5.95 -1.03 -20.78
C GLY A 218 -7.36 -1.34 -20.29
N ILE A 219 -7.47 -2.09 -19.20
CA ILE A 219 -8.75 -2.38 -18.56
C ILE A 219 -9.13 -1.17 -17.72
N ASP A 220 -9.99 -0.31 -18.28
CA ASP A 220 -10.44 0.92 -17.65
C ASP A 220 -11.79 0.79 -16.93
N SER A 221 -12.38 -0.42 -16.96
CA SER A 221 -13.68 -0.67 -16.33
C SER A 221 -13.65 -0.68 -14.80
N ILE A 222 -12.47 -0.91 -14.22
CA ILE A 222 -12.28 -0.92 -12.77
C ILE A 222 -11.49 0.32 -12.36
N LYS A 223 -12.01 1.04 -11.37
CA LYS A 223 -11.29 2.16 -10.76
C LYS A 223 -10.48 1.62 -9.58
N ALA A 224 -9.16 1.78 -9.65
CA ALA A 224 -8.28 1.36 -8.57
C ALA A 224 -7.84 2.57 -7.76
N ILE A 225 -8.21 2.60 -6.48
CA ILE A 225 -7.62 3.54 -5.53
C ILE A 225 -6.41 2.85 -4.90
N ASP A 226 -5.24 3.18 -5.43
CA ASP A 226 -4.00 2.46 -5.20
C ASP A 226 -2.93 3.45 -4.74
N PRO A 227 -2.69 3.51 -3.42
CA PRO A 227 -1.76 4.53 -2.88
C PRO A 227 -0.36 4.53 -3.47
N LEU A 228 0.20 3.36 -3.76
CA LEU A 228 1.54 3.28 -4.32
C LEU A 228 1.64 3.86 -5.73
N SER A 229 0.63 3.60 -6.56
CA SER A 229 0.53 4.26 -7.89
C SER A 229 0.44 5.77 -7.75
N THR A 230 -0.36 6.23 -6.79
CA THR A 230 -0.53 7.65 -6.53
C THR A 230 0.77 8.32 -6.08
N ILE A 231 1.48 7.69 -5.16
CA ILE A 231 2.78 8.20 -4.69
C ILE A 231 3.80 8.27 -5.84
N ALA A 232 3.86 7.21 -6.64
CA ALA A 232 4.75 7.18 -7.80
C ALA A 232 4.39 8.29 -8.79
N GLN A 233 3.12 8.36 -9.13
CA GLN A 233 2.60 9.35 -10.08
C GLN A 233 2.81 10.80 -9.65
N ASN A 234 2.65 11.10 -8.36
CA ASN A 234 2.75 12.46 -7.83
C ASN A 234 4.00 12.68 -7.02
N PHE A 235 5.08 11.97 -7.37
CA PHE A 235 6.35 12.06 -6.67
C PHE A 235 6.85 13.50 -6.53
N SER A 236 6.79 14.25 -7.63
CA SER A 236 7.26 15.64 -7.67
C SER A 236 6.61 16.52 -6.61
N GLN A 237 5.30 16.42 -6.51
CA GLN A 237 4.52 17.20 -5.57
C GLN A 237 4.51 16.71 -4.14
N LEU A 238 4.50 15.42 -3.93
CA LEU A 238 4.48 14.84 -2.59
C LEU A 238 5.82 14.87 -1.86
N ILE A 239 6.91 14.58 -2.58
CA ILE A 239 8.21 14.37 -1.93
C ILE A 239 8.98 15.69 -1.81
N ILE A 240 8.95 16.29 -0.61
CA ILE A 240 9.56 17.60 -0.34
C ILE A 240 10.52 17.49 0.85
#